data_7U9Y
#
_entry.id   7U9Y
#
_cell.length_a   81.259
_cell.length_b   86.122
_cell.length_c   41.094
_cell.angle_alpha   90.000
_cell.angle_beta   90.000
_cell.angle_gamma   90.000
#
_symmetry.space_group_name_H-M   'P 21 21 2'
#
loop_
_entity.id
_entity.type
_entity.pdbx_description
1 polymer 'WD repeat-containing protein 5'
2 non-polymer BENZAMIDINE
3 non-polymer (5P)-2-[(3,5-dimethoxyphenyl)methyl]-7-[(2-methyl-1H-imidazol-1-yl)methyl]-5-[1-methyl-3-(trifluoromethyl)-1H-pyrazol-4-yl]-3,4-dihydroisoquinolin-1(2H)-one
4 water water
#
_entity_poly.entity_id   1
_entity_poly.type   'polypeptide(L)'
_entity_poly.pdbx_seq_one_letter_code
;PVKPNYALKFTLAGHTKAVSSVKFSPNGEWLASSSADKLIKIWGAYDGKFEKTISGHKLGISDVAWSSDSNLLVSASDDK
TLKIWDVSSGKCLKTLKGHSNYVFCCNFNPQSNLIVSGSFDESVRIWDVKTGKCLKTLPAHSDPVSAVHFNRDGSLIVSS
SYDGLCRIWDTASGQCLKTLIDDDNPPVSFVKFSPNGKYILAATLDNTLKLWDYSKGKCLKTYTGHKNEKYCIFANFSVT
GGKWIVSGSEDNLVYIWNLQTKEIVQKLQGHTDVVISTACHPTENIIASAALENDKTIKLWKSDC
;
_entity_poly.pdbx_strand_id   A
#
# COMPACT_ATOMS: atom_id res chain seq x y z
N PRO A 1 -15.20 -21.29 3.76
CA PRO A 1 -14.46 -21.53 2.52
C PRO A 1 -13.10 -22.13 2.81
N VAL A 2 -12.68 -23.12 2.01
CA VAL A 2 -11.33 -23.67 2.18
C VAL A 2 -10.34 -22.99 1.25
N LYS A 3 -10.68 -22.85 -0.03
CA LYS A 3 -9.85 -22.15 -0.99
C LYS A 3 -10.68 -21.24 -1.88
N PRO A 4 -10.13 -20.10 -2.29
CA PRO A 4 -10.80 -19.24 -3.28
C PRO A 4 -10.54 -19.77 -4.68
N ASN A 5 -11.25 -19.16 -5.64
CA ASN A 5 -11.13 -19.51 -7.06
C ASN A 5 -10.98 -18.25 -7.90
N TYR A 6 -10.06 -17.38 -7.51
CA TYR A 6 -9.84 -16.14 -8.24
C TYR A 6 -9.50 -16.46 -9.69
N ALA A 7 -10.16 -15.78 -10.60
CA ALA A 7 -9.95 -15.97 -12.03
C ALA A 7 -9.82 -14.60 -12.67
N LEU A 8 -8.93 -14.49 -13.65
CA LEU A 8 -8.68 -13.23 -14.33
C LEU A 8 -9.92 -12.78 -15.08
N LYS A 9 -10.40 -11.56 -14.80
CA LYS A 9 -11.53 -10.99 -15.54
C LYS A 9 -11.14 -9.86 -16.47
N PHE A 10 -10.22 -8.97 -16.06
CA PHE A 10 -9.86 -7.83 -16.88
C PHE A 10 -8.38 -7.53 -16.75
N THR A 11 -7.81 -7.01 -17.84
CA THR A 11 -6.42 -6.52 -17.87
C THR A 11 -6.44 -5.07 -18.34
N LEU A 12 -5.84 -4.21 -17.54
CA LEU A 12 -5.96 -2.77 -17.67
C LEU A 12 -4.64 -2.24 -18.20
N ALA A 13 -4.62 -1.84 -19.48
CA ALA A 13 -3.43 -1.34 -20.13
C ALA A 13 -3.55 0.16 -20.33
N GLY A 14 -2.45 0.88 -20.11
CA GLY A 14 -2.45 2.31 -20.33
C GLY A 14 -1.24 3.04 -19.81
N HIS A 15 -0.72 2.64 -18.64
CA HIS A 15 0.51 3.25 -18.17
C HIS A 15 1.65 2.87 -19.09
N THR A 16 2.57 3.81 -19.33
CA THR A 16 3.68 3.58 -20.23
C THR A 16 4.98 3.24 -19.53
N LYS A 17 4.98 3.18 -18.19
CA LYS A 17 6.11 2.67 -17.43
C LYS A 17 5.55 1.83 -16.29
N ALA A 18 6.44 1.30 -15.44
CA ALA A 18 6.00 0.42 -14.35
C ALA A 18 4.85 1.03 -13.55
N VAL A 19 3.90 0.19 -13.16
CA VAL A 19 2.84 0.60 -12.24
C VAL A 19 3.34 0.42 -10.81
N SER A 20 3.19 1.45 -9.97
CA SER A 20 3.79 1.41 -8.63
C SER A 20 2.81 1.03 -7.53
N SER A 21 1.52 1.32 -7.71
CA SER A 21 0.54 1.09 -6.63
C SER A 21 -0.87 1.10 -7.22
N VAL A 22 -1.73 0.20 -6.74
CA VAL A 22 -3.16 0.24 -7.05
C VAL A 22 -3.93 0.22 -5.72
N LYS A 23 -5.03 0.98 -5.66
CA LYS A 23 -5.88 1.04 -4.46
C LYS A 23 -7.35 1.17 -4.86
N PHE A 24 -8.23 0.41 -4.20
CA PHE A 24 -9.67 0.53 -4.41
C PHE A 24 -10.23 1.69 -3.58
N SER A 25 -11.15 2.45 -4.17
CA SER A 25 -11.83 3.48 -3.40
C SER A 25 -12.68 2.85 -2.30
N PRO A 26 -12.80 3.50 -1.13
CA PRO A 26 -13.59 2.91 -0.05
C PRO A 26 -15.02 2.60 -0.43
N ASN A 27 -15.62 3.37 -1.34
CA ASN A 27 -17.00 3.09 -1.73
C ASN A 27 -17.11 1.98 -2.78
N GLY A 28 -15.99 1.36 -3.16
CA GLY A 28 -16.00 0.20 -4.03
C GLY A 28 -16.13 0.47 -5.50
N GLU A 29 -16.26 1.74 -5.90
CA GLU A 29 -16.58 2.05 -7.30
C GLU A 29 -15.35 2.06 -8.20
N TRP A 30 -14.18 2.43 -7.67
CA TRP A 30 -13.04 2.81 -8.48
C TRP A 30 -11.76 2.14 -8.02
N LEU A 31 -10.82 2.03 -8.97
CA LEU A 31 -9.45 1.65 -8.70
C LEU A 31 -8.57 2.81 -9.14
N ALA A 32 -7.65 3.22 -8.28
CA ALA A 32 -6.66 4.22 -8.65
C ALA A 32 -5.31 3.54 -8.81
N SER A 33 -4.53 3.99 -9.79
CA SER A 33 -3.21 3.45 -10.03
C SER A 33 -2.23 4.61 -10.21
N SER A 34 -1.01 4.42 -9.72
CA SER A 34 0.09 5.35 -9.91
C SER A 34 1.19 4.64 -10.67
N SER A 35 2.10 5.42 -11.26
CA SER A 35 3.09 4.81 -12.14
C SER A 35 4.34 5.67 -12.20
N ALA A 36 5.45 5.01 -12.54
CA ALA A 36 6.69 5.71 -12.85
C ALA A 36 6.55 6.66 -14.04
N ASP A 37 5.46 6.56 -14.82
CA ASP A 37 5.21 7.45 -15.96
C ASP A 37 4.64 8.82 -15.53
N LYS A 38 4.57 9.11 -14.23
CA LYS A 38 4.18 10.38 -13.60
C LYS A 38 2.67 10.55 -13.55
N LEU A 39 1.90 9.54 -13.91
CA LEU A 39 0.45 9.69 -14.01
C LEU A 39 -0.27 8.86 -12.97
N ILE A 40 -1.45 9.35 -12.59
CA ILE A 40 -2.49 8.61 -11.91
C ILE A 40 -3.56 8.24 -12.92
N LYS A 41 -4.06 7.01 -12.87
CA LYS A 41 -5.21 6.62 -13.67
C LYS A 41 -6.33 6.07 -12.80
N ILE A 42 -7.57 6.34 -13.21
CA ILE A 42 -8.77 5.91 -12.51
C ILE A 42 -9.49 4.90 -13.41
N TRP A 43 -9.93 3.78 -12.82
CA TRP A 43 -10.52 2.67 -13.55
C TRP A 43 -11.74 2.18 -12.80
N GLY A 44 -12.73 1.67 -13.55
CA GLY A 44 -13.89 1.07 -12.91
C GLY A 44 -13.52 -0.22 -12.18
N ALA A 45 -13.93 -0.33 -10.91
CA ALA A 45 -13.50 -1.45 -10.09
C ALA A 45 -14.13 -2.77 -10.52
N TYR A 46 -15.31 -2.72 -11.11
CA TYR A 46 -16.06 -3.94 -11.45
C TYR A 46 -15.91 -4.36 -12.91
N ASP A 47 -15.62 -3.42 -13.82
CA ASP A 47 -15.52 -3.72 -15.25
C ASP A 47 -14.16 -3.38 -15.86
N GLY A 48 -13.21 -2.87 -15.08
CA GLY A 48 -11.92 -2.49 -15.61
C GLY A 48 -11.95 -1.30 -16.55
N LYS A 49 -13.07 -0.60 -16.66
CA LYS A 49 -13.22 0.41 -17.71
C LYS A 49 -12.40 1.64 -17.38
N PHE A 50 -11.52 2.04 -18.30
CA PHE A 50 -10.71 3.22 -18.06
C PHE A 50 -11.60 4.44 -17.90
N GLU A 51 -11.29 5.26 -16.90
CA GLU A 51 -12.12 6.41 -16.57
C GLU A 51 -11.42 7.73 -16.86
N LYS A 52 -10.24 7.97 -16.28
CA LYS A 52 -9.57 9.25 -16.53
C LYS A 52 -8.12 9.16 -16.09
N THR A 53 -7.33 10.10 -16.59
CA THR A 53 -5.94 10.29 -16.20
C THR A 53 -5.82 11.59 -15.39
N ILE A 54 -5.06 11.54 -14.30
CA ILE A 54 -4.81 12.70 -13.47
C ILE A 54 -3.30 12.97 -13.51
N SER A 55 -2.92 14.17 -13.95
CA SER A 55 -1.52 14.48 -14.21
C SER A 55 -1.12 15.77 -13.48
N GLY A 56 0.20 15.93 -13.28
CA GLY A 56 0.71 17.10 -12.62
C GLY A 56 2.04 16.94 -11.88
N HIS A 57 2.34 15.73 -11.40
CA HIS A 57 3.66 15.52 -10.82
C HIS A 57 4.72 15.64 -11.91
N LYS A 58 5.89 16.12 -11.52
CA LYS A 58 7.00 16.33 -12.45
C LYS A 58 7.91 15.12 -12.57
N LEU A 59 7.75 14.11 -11.72
CA LEU A 59 8.53 12.88 -11.79
C LEU A 59 7.62 11.72 -11.39
N GLY A 60 8.16 10.51 -11.40
CA GLY A 60 7.35 9.33 -11.19
C GLY A 60 6.65 9.32 -9.83
N ILE A 61 5.57 8.56 -9.75
CA ILE A 61 4.76 8.44 -8.55
C ILE A 61 4.91 7.04 -7.95
N SER A 62 5.17 6.96 -6.65
N SER A 62 5.12 6.96 -6.65
CA SER A 62 5.33 5.69 -5.95
CA SER A 62 5.30 5.67 -6.00
C SER A 62 4.03 5.14 -5.35
C SER A 62 4.04 5.14 -5.34
N ASP A 63 3.11 6.00 -4.95
CA ASP A 63 1.98 5.56 -4.13
C ASP A 63 0.82 6.54 -4.28
N VAL A 64 -0.39 6.03 -4.04
CA VAL A 64 -1.61 6.82 -3.99
C VAL A 64 -2.47 6.24 -2.88
N ALA A 65 -3.36 7.08 -2.33
CA ALA A 65 -4.30 6.63 -1.32
C ALA A 65 -5.57 7.48 -1.38
N TRP A 66 -6.69 6.87 -1.01
CA TRP A 66 -8.02 7.47 -1.09
C TRP A 66 -8.44 8.05 0.26
N SER A 67 -9.14 9.17 0.21
CA SER A 67 -9.84 9.63 1.41
C SER A 67 -11.03 8.72 1.70
N SER A 68 -11.51 8.81 2.94
CA SER A 68 -12.54 7.89 3.42
C SER A 68 -13.86 8.04 2.67
N ASP A 69 -14.17 9.25 2.19
CA ASP A 69 -15.40 9.46 1.42
C ASP A 69 -15.22 9.20 -0.07
N SER A 70 -14.05 8.70 -0.48
CA SER A 70 -13.73 8.36 -1.86
C SER A 70 -13.65 9.57 -2.79
N ASN A 71 -13.69 10.80 -2.26
CA ASN A 71 -13.65 11.99 -3.11
C ASN A 71 -12.25 12.52 -3.39
N LEU A 72 -11.27 12.24 -2.52
CA LEU A 72 -9.94 12.77 -2.68
C LEU A 72 -8.94 11.63 -2.85
N LEU A 73 -7.83 11.94 -3.53
CA LEU A 73 -6.66 11.09 -3.60
C LEU A 73 -5.45 11.87 -3.16
N VAL A 74 -4.49 11.19 -2.53
CA VAL A 74 -3.17 11.77 -2.30
C VAL A 74 -2.14 10.89 -3.00
N SER A 75 -1.14 11.53 -3.61
CA SER A 75 -0.09 10.85 -4.36
C SER A 75 1.26 11.25 -3.80
N ALA A 76 2.22 10.31 -3.86
CA ALA A 76 3.57 10.50 -3.33
C ALA A 76 4.56 10.34 -4.48
N SER A 77 5.40 11.35 -4.70
CA SER A 77 6.17 11.42 -5.94
C SER A 77 7.66 11.59 -5.69
N ASP A 78 8.43 11.17 -6.71
CA ASP A 78 9.88 11.43 -6.74
C ASP A 78 10.20 12.92 -6.83
N ASP A 79 9.23 13.78 -7.19
CA ASP A 79 9.49 15.22 -7.20
C ASP A 79 9.53 15.81 -5.79
N LYS A 80 9.47 14.96 -4.76
CA LYS A 80 9.63 15.30 -3.36
C LYS A 80 8.36 15.87 -2.76
N THR A 81 7.25 15.86 -3.49
CA THR A 81 5.99 16.39 -2.99
C THR A 81 4.98 15.26 -2.87
N LEU A 82 3.95 15.53 -2.09
CA LEU A 82 2.67 14.86 -2.24
C LEU A 82 1.68 15.85 -2.84
N LYS A 83 0.66 15.33 -3.53
CA LYS A 83 -0.40 16.17 -4.07
C LYS A 83 -1.75 15.59 -3.64
N ILE A 84 -2.66 16.49 -3.26
CA ILE A 84 -4.03 16.14 -2.92
C ILE A 84 -4.91 16.51 -4.12
N TRP A 85 -5.69 15.54 -4.59
CA TRP A 85 -6.48 15.69 -5.81
C TRP A 85 -7.97 15.56 -5.51
N ASP A 86 -8.78 16.40 -6.14
CA ASP A 86 -10.21 16.16 -6.20
C ASP A 86 -10.47 15.26 -7.40
N VAL A 87 -10.90 14.02 -7.15
CA VAL A 87 -10.93 13.02 -8.21
C VAL A 87 -11.90 13.41 -9.32
N SER A 88 -13.10 13.84 -8.96
CA SER A 88 -14.12 14.02 -9.96
C SER A 88 -13.81 15.20 -10.90
N SER A 89 -13.13 16.24 -10.41
CA SER A 89 -12.73 17.35 -11.26
C SER A 89 -11.33 17.17 -11.84
N GLY A 90 -10.47 16.38 -11.20
CA GLY A 90 -9.08 16.29 -11.57
C GLY A 90 -8.19 17.39 -11.05
N LYS A 91 -8.72 18.35 -10.29
CA LYS A 91 -7.89 19.47 -9.83
C LYS A 91 -6.92 19.04 -8.74
N CYS A 92 -5.71 19.59 -8.79
CA CYS A 92 -4.80 19.48 -7.66
C CYS A 92 -5.22 20.53 -6.63
N LEU A 93 -5.69 20.06 -5.47
CA LEU A 93 -6.11 20.97 -4.41
C LEU A 93 -4.93 21.49 -3.58
N LYS A 94 -3.94 20.66 -3.31
CA LYS A 94 -2.79 21.09 -2.52
C LYS A 94 -1.55 20.35 -2.97
N THR A 95 -0.40 21.02 -2.87
CA THR A 95 0.89 20.37 -3.01
C THR A 95 1.58 20.44 -1.65
N LEU A 96 1.99 19.28 -1.14
CA LEU A 96 2.54 19.16 0.21
C LEU A 96 4.06 19.13 0.11
N LYS A 97 4.71 20.20 0.61
CA LYS A 97 6.14 20.37 0.45
C LYS A 97 6.84 20.31 1.80
N GLY A 98 8.01 19.68 1.82
CA GLY A 98 8.74 19.50 3.05
C GLY A 98 9.78 18.40 2.99
N HIS A 99 9.46 17.27 2.35
CA HIS A 99 10.44 16.20 2.23
C HIS A 99 11.59 16.65 1.34
N SER A 100 12.77 16.10 1.61
CA SER A 100 13.99 16.49 0.89
C SER A 100 14.51 15.38 0.00
N ASN A 101 13.71 14.35 -0.22
CA ASN A 101 14.03 13.26 -1.13
C ASN A 101 12.69 12.66 -1.57
N TYR A 102 12.75 11.60 -2.39
CA TYR A 102 11.53 11.01 -2.94
C TYR A 102 10.52 10.72 -1.83
N VAL A 103 9.24 10.98 -2.09
CA VAL A 103 8.19 10.54 -1.19
C VAL A 103 7.71 9.17 -1.65
N PHE A 104 7.82 8.16 -0.77
CA PHE A 104 7.62 6.79 -1.22
C PHE A 104 6.23 6.25 -0.88
N CYS A 105 5.64 6.61 0.26
CA CYS A 105 4.40 5.98 0.71
C CYS A 105 3.52 7.00 1.42
N CYS A 106 2.20 6.77 1.37
CA CYS A 106 1.26 7.74 1.92
C CYS A 106 -0.06 7.07 2.28
N ASN A 107 -0.82 7.74 3.17
CA ASN A 107 -2.12 7.25 3.60
C ASN A 107 -2.87 8.38 4.27
N PHE A 108 -4.20 8.40 4.10
CA PHE A 108 -5.08 9.23 4.93
C PHE A 108 -5.35 8.51 6.26
N ASN A 109 -5.70 9.28 7.29
CA ASN A 109 -6.25 8.65 8.48
C ASN A 109 -7.74 8.39 8.24
N PRO A 110 -8.38 7.56 9.08
CA PRO A 110 -9.81 7.27 8.82
C PRO A 110 -10.70 8.50 8.77
N GLN A 111 -10.46 9.51 9.61
CA GLN A 111 -11.26 10.73 9.56
C GLN A 111 -10.89 11.56 8.33
N SER A 112 -9.71 11.31 7.75
CA SER A 112 -9.23 11.91 6.50
C SER A 112 -9.02 13.41 6.63
N ASN A 113 -8.76 13.88 7.86
CA ASN A 113 -8.22 15.22 8.05
C ASN A 113 -6.69 15.23 8.08
N LEU A 114 -6.05 14.08 8.16
CA LEU A 114 -4.60 13.97 8.18
C LEU A 114 -4.11 13.06 7.06
N ILE A 115 -2.90 13.34 6.58
CA ILE A 115 -2.17 12.45 5.69
C ILE A 115 -0.84 12.13 6.36
N VAL A 116 -0.43 10.85 6.28
CA VAL A 116 0.91 10.46 6.73
C VAL A 116 1.73 10.05 5.50
N SER A 117 3.03 10.36 5.51
CA SER A 117 3.91 10.07 4.40
C SER A 117 5.25 9.56 4.91
N GLY A 118 5.89 8.73 4.10
CA GLY A 118 7.25 8.29 4.38
C GLY A 118 8.11 8.52 3.15
N SER A 119 9.39 8.80 3.40
CA SER A 119 10.26 9.33 2.35
C SER A 119 11.64 8.68 2.37
N PHE A 120 12.31 8.77 1.22
CA PHE A 120 13.73 8.39 1.15
C PHE A 120 14.59 9.27 2.04
N ASP A 121 14.08 10.41 2.51
CA ASP A 121 14.82 11.26 3.44
C ASP A 121 14.77 10.73 4.87
N GLU A 122 14.18 9.55 5.06
CA GLU A 122 14.21 8.75 6.29
C GLU A 122 13.23 9.26 7.34
N SER A 123 12.42 10.27 7.03
CA SER A 123 11.44 10.83 7.95
C SER A 123 10.03 10.37 7.60
N VAL A 124 9.15 10.49 8.59
CA VAL A 124 7.71 10.38 8.42
C VAL A 124 7.13 11.76 8.70
N ARG A 125 6.21 12.21 7.86
CA ARG A 125 5.57 13.50 8.08
C ARG A 125 4.06 13.33 8.21
N ILE A 126 3.47 14.14 9.08
CA ILE A 126 2.03 14.20 9.30
C ILE A 126 1.56 15.55 8.80
N TRP A 127 0.58 15.53 7.89
CA TRP A 127 0.12 16.73 7.20
C TRP A 127 -1.35 16.97 7.49
N ASP A 128 -1.71 18.25 7.50
CA ASP A 128 -3.10 18.67 7.62
C ASP A 128 -3.69 18.77 6.21
N VAL A 129 -4.76 18.00 5.98
CA VAL A 129 -5.36 17.93 4.65
C VAL A 129 -5.94 19.29 4.24
N LYS A 130 -6.60 19.97 5.18
CA LYS A 130 -7.30 21.21 4.86
C LYS A 130 -6.34 22.30 4.46
N THR A 131 -5.22 22.45 5.15
CA THR A 131 -4.31 23.56 4.86
C THR A 131 -3.10 23.14 4.03
N GLY A 132 -2.82 21.85 3.94
CA GLY A 132 -1.64 21.43 3.22
C GLY A 132 -0.34 21.65 3.99
N LYS A 133 -0.42 22.06 5.25
CA LYS A 133 0.79 22.33 6.02
C LYS A 133 1.25 21.08 6.75
N CYS A 134 2.56 20.95 6.88
CA CYS A 134 3.15 19.86 7.65
C CYS A 134 2.98 20.14 9.14
N LEU A 135 2.37 19.19 9.86
CA LEU A 135 2.14 19.36 11.28
C LEU A 135 3.31 18.85 12.11
N LYS A 136 3.89 17.71 11.72
CA LYS A 136 4.94 17.06 12.48
C LYS A 136 5.91 16.37 11.52
N THR A 137 7.20 16.44 11.84
CA THR A 137 8.21 15.63 11.16
C THR A 137 8.80 14.67 12.17
N LEU A 138 8.66 13.36 11.91
CA LEU A 138 9.16 12.36 12.85
C LEU A 138 10.52 11.86 12.38
N PRO A 139 11.55 11.87 13.26
CA PRO A 139 12.89 11.33 12.90
C PRO A 139 12.87 9.81 12.90
N ALA A 140 12.11 9.26 11.96
CA ALA A 140 11.55 7.93 12.17
C ALA A 140 12.56 6.82 11.96
N HIS A 141 13.45 6.96 10.98
CA HIS A 141 14.29 5.84 10.59
C HIS A 141 15.65 6.35 10.16
N SER A 142 16.58 5.41 9.92
CA SER A 142 17.92 5.72 9.42
C SER A 142 18.16 5.12 8.04
N ASP A 143 17.08 4.81 7.33
CA ASP A 143 17.09 4.36 5.94
C ASP A 143 15.73 4.74 5.34
N PRO A 144 15.54 4.59 4.03
CA PRO A 144 14.26 5.00 3.46
C PRO A 144 13.07 4.32 4.13
N VAL A 145 11.95 5.04 4.17
CA VAL A 145 10.74 4.56 4.84
C VAL A 145 9.88 3.82 3.81
N SER A 146 9.63 2.52 4.06
CA SER A 146 8.96 1.69 3.07
C SER A 146 7.44 1.64 3.21
N ALA A 147 6.89 2.02 4.37
CA ALA A 147 5.43 2.00 4.52
C ALA A 147 5.04 2.88 5.70
N VAL A 148 3.84 3.48 5.62
CA VAL A 148 3.20 4.22 6.71
C VAL A 148 1.69 3.96 6.68
N HIS A 149 1.09 3.72 7.84
CA HIS A 149 -0.32 3.34 7.86
C HIS A 149 -0.94 3.77 9.19
N PHE A 150 -2.17 4.26 9.16
CA PHE A 150 -2.90 4.57 10.38
C PHE A 150 -3.70 3.35 10.83
N ASN A 151 -3.89 3.23 12.14
CA ASN A 151 -4.78 2.20 12.64
C ASN A 151 -6.25 2.66 12.53
N ARG A 152 -7.17 1.79 12.96
CA ARG A 152 -8.57 1.95 12.59
C ARG A 152 -9.22 3.20 13.19
N ASP A 153 -8.70 3.73 14.29
CA ASP A 153 -9.24 4.98 14.82
C ASP A 153 -8.28 6.15 14.65
N GLY A 154 -7.21 5.97 13.86
CA GLY A 154 -6.29 7.05 13.59
C GLY A 154 -5.39 7.47 14.73
N SER A 155 -5.50 6.84 15.90
CA SER A 155 -4.66 7.25 17.05
C SER A 155 -3.20 6.78 16.93
N LEU A 156 -2.92 5.80 16.07
CA LEU A 156 -1.58 5.26 15.90
C LEU A 156 -1.17 5.28 14.43
N ILE A 157 0.15 5.42 14.20
CA ILE A 157 0.77 5.24 12.90
C ILE A 157 1.83 4.15 13.04
N VAL A 158 1.87 3.22 12.09
CA VAL A 158 2.97 2.25 12.01
C VAL A 158 3.84 2.58 10.81
N SER A 159 5.16 2.51 10.99
CA SER A 159 6.10 2.72 9.89
C SER A 159 7.09 1.56 9.82
N SER A 160 7.69 1.39 8.64
CA SER A 160 8.69 0.37 8.39
C SER A 160 9.81 0.96 7.54
N SER A 161 10.98 0.34 7.61
CA SER A 161 12.12 0.87 6.88
C SER A 161 13.12 -0.24 6.55
N TYR A 162 13.93 0.02 5.52
CA TYR A 162 15.13 -0.76 5.24
C TYR A 162 16.09 -0.80 6.43
N ASP A 163 15.93 0.07 7.42
CA ASP A 163 16.84 -0.02 8.55
C ASP A 163 16.54 -1.21 9.45
N GLY A 164 15.56 -2.05 9.07
CA GLY A 164 15.18 -3.24 9.83
C GLY A 164 14.22 -3.00 10.98
N LEU A 165 13.70 -1.78 11.13
CA LEU A 165 12.81 -1.43 12.22
C LEU A 165 11.37 -1.28 11.75
N CYS A 166 10.45 -1.67 12.63
CA CYS A 166 9.06 -1.26 12.55
C CYS A 166 8.79 -0.42 13.79
N ARG A 167 8.16 0.75 13.61
CA ARG A 167 7.91 1.64 14.74
C ARG A 167 6.44 2.04 14.79
N ILE A 168 5.94 2.19 16.01
CA ILE A 168 4.56 2.60 16.29
C ILE A 168 4.60 3.99 16.89
N TRP A 169 3.83 4.91 16.33
CA TRP A 169 3.85 6.32 16.70
C TRP A 169 2.47 6.76 17.20
N ASP A 170 2.49 7.65 18.21
CA ASP A 170 1.29 8.31 18.69
C ASP A 170 0.98 9.45 17.73
N THR A 171 -0.15 9.34 17.01
CA THR A 171 -0.52 10.37 16.05
C THR A 171 -0.56 11.77 16.69
N ALA A 172 -1.10 11.86 17.91
CA ALA A 172 -1.34 13.17 18.51
C ALA A 172 -0.05 13.86 18.93
N SER A 173 0.85 13.12 19.60
CA SER A 173 2.08 13.72 20.13
C SER A 173 3.26 13.59 19.19
N GLY A 174 3.22 12.65 18.24
CA GLY A 174 4.40 12.33 17.47
C GLY A 174 5.44 11.47 18.17
N GLN A 175 5.19 11.05 19.41
CA GLN A 175 6.17 10.27 20.15
C GLN A 175 6.25 8.81 19.66
N CYS A 176 7.47 8.27 19.62
CA CYS A 176 7.67 6.86 19.30
C CYS A 176 7.26 5.99 20.49
N LEU A 177 6.23 5.17 20.30
CA LEU A 177 5.74 4.32 21.38
C LEU A 177 6.40 2.96 21.43
N LYS A 178 6.84 2.44 20.29
CA LYS A 178 7.40 1.10 20.27
C LYS A 178 8.34 0.98 19.08
N THR A 179 9.46 0.27 19.29
CA THR A 179 10.34 -0.15 18.20
C THR A 179 10.39 -1.68 18.21
N LEU A 180 10.14 -2.28 17.04
CA LEU A 180 9.99 -3.72 16.91
C LEU A 180 11.02 -4.26 15.95
N ILE A 181 11.75 -5.30 16.38
CA ILE A 181 12.86 -5.85 15.61
C ILE A 181 12.59 -7.34 15.35
N ASP A 182 13.37 -7.92 14.45
CA ASP A 182 13.26 -9.33 14.13
C ASP A 182 14.66 -9.88 13.90
N ASP A 183 14.83 -11.18 14.14
CA ASP A 183 16.16 -11.80 14.10
C ASP A 183 16.86 -11.53 12.78
N ASP A 184 18.13 -11.12 12.88
CA ASP A 184 19.03 -10.86 11.75
C ASP A 184 18.72 -9.55 11.02
N ASN A 185 17.80 -8.72 11.55
CA ASN A 185 17.43 -7.41 11.03
C ASN A 185 17.32 -7.31 9.50
N PRO A 186 16.56 -8.18 8.83
CA PRO A 186 16.28 -7.96 7.42
C PRO A 186 15.56 -6.65 7.21
N PRO A 187 15.81 -5.96 6.09
CA PRO A 187 14.99 -4.79 5.74
C PRO A 187 13.51 -5.10 5.86
N VAL A 188 12.76 -4.18 6.46
CA VAL A 188 11.30 -4.29 6.51
C VAL A 188 10.76 -3.56 5.30
N SER A 189 10.14 -4.32 4.39
CA SER A 189 9.73 -3.80 3.10
C SER A 189 8.28 -3.34 3.06
N PHE A 190 7.46 -3.73 4.03
CA PHE A 190 6.06 -3.30 4.04
C PHE A 190 5.47 -3.59 5.40
N VAL A 191 4.53 -2.75 5.84
CA VAL A 191 3.80 -3.00 7.06
C VAL A 191 2.43 -2.36 6.94
N LYS A 192 1.45 -2.92 7.64
CA LYS A 192 0.14 -2.29 7.75
C LYS A 192 -0.63 -2.94 8.89
N PHE A 193 -1.56 -2.18 9.48
CA PHE A 193 -2.39 -2.69 10.55
C PHE A 193 -3.44 -3.64 10.00
N SER A 194 -3.82 -4.62 10.83
CA SER A 194 -4.97 -5.46 10.50
C SER A 194 -6.25 -4.62 10.57
N PRO A 195 -7.31 -5.05 9.87
CA PRO A 195 -8.55 -4.26 9.91
C PRO A 195 -9.09 -4.02 11.31
N ASN A 196 -9.00 -5.01 12.20
CA ASN A 196 -9.41 -4.80 13.59
C ASN A 196 -8.41 -3.95 14.38
N GLY A 197 -7.22 -3.69 13.83
CA GLY A 197 -6.27 -2.82 14.48
C GLY A 197 -5.41 -3.45 15.55
N LYS A 198 -5.54 -4.76 15.76
CA LYS A 198 -4.80 -5.43 16.83
C LYS A 198 -3.49 -6.04 16.34
N TYR A 199 -3.31 -6.23 15.03
CA TYR A 199 -2.12 -6.89 14.53
C TYR A 199 -1.41 -6.03 13.48
N ILE A 200 -0.16 -6.41 13.23
CA ILE A 200 0.71 -5.85 12.21
C ILE A 200 1.09 -6.96 11.25
N LEU A 201 0.82 -6.74 9.95
CA LEU A 201 1.36 -7.59 8.90
C LEU A 201 2.62 -6.94 8.36
N ALA A 202 3.75 -7.66 8.40
CA ALA A 202 5.04 -7.10 8.05
C ALA A 202 5.77 -7.99 7.06
N ALA A 203 6.31 -7.39 6.00
CA ALA A 203 7.12 -8.11 5.05
C ALA A 203 8.58 -7.78 5.29
N THR A 204 9.44 -8.78 5.18
CA THR A 204 10.89 -8.57 5.25
C THR A 204 11.52 -9.15 4.01
N LEU A 205 12.67 -8.59 3.61
CA LEU A 205 13.29 -9.00 2.35
C LEU A 205 14.06 -10.30 2.47
N ASP A 206 13.52 -11.24 3.24
CA ASP A 206 14.00 -12.61 3.31
C ASP A 206 12.88 -13.56 2.89
N ASN A 207 12.07 -13.14 1.91
CA ASN A 207 11.00 -13.98 1.36
C ASN A 207 9.97 -14.37 2.43
N THR A 208 9.69 -13.46 3.38
CA THR A 208 8.85 -13.81 4.51
C THR A 208 7.88 -12.69 4.86
N LEU A 209 6.64 -13.07 5.16
CA LEU A 209 5.60 -12.20 5.71
C LEU A 209 5.21 -12.72 7.07
N LYS A 210 4.95 -11.83 8.02
CA LYS A 210 4.64 -12.22 9.38
C LYS A 210 3.48 -11.39 9.90
N LEU A 211 2.58 -12.05 10.64
CA LEU A 211 1.52 -11.38 11.38
C LEU A 211 1.97 -11.26 12.83
N TRP A 212 2.05 -10.03 13.32
CA TRP A 212 2.59 -9.75 14.65
C TRP A 212 1.50 -9.17 15.54
N ASP A 213 1.51 -9.57 16.80
CA ASP A 213 0.80 -8.84 17.84
C ASP A 213 1.78 -7.80 18.37
N TYR A 214 1.63 -6.55 17.95
CA TYR A 214 2.63 -5.54 18.26
C TYR A 214 2.60 -5.13 19.74
N SER A 215 1.45 -5.24 20.40
CA SER A 215 1.38 -4.92 21.83
C SER A 215 2.27 -5.87 22.65
N LYS A 216 2.12 -7.17 22.45
CA LYS A 216 2.97 -8.14 23.14
C LYS A 216 4.26 -8.43 22.40
N GLY A 217 4.46 -7.86 21.21
CA GLY A 217 5.70 -8.12 20.48
C GLY A 217 5.88 -9.56 20.10
N LYS A 218 4.80 -10.27 19.80
CA LYS A 218 4.86 -11.69 19.53
C LYS A 218 4.47 -11.94 18.07
N CYS A 219 5.27 -12.74 17.38
CA CYS A 219 4.95 -13.17 16.02
C CYS A 219 3.93 -14.31 16.09
N LEU A 220 2.80 -14.12 15.43
CA LEU A 220 1.69 -15.07 15.49
C LEU A 220 1.60 -15.99 14.28
N LYS A 221 1.99 -15.53 13.10
CA LYS A 221 1.91 -16.33 11.89
C LYS A 221 3.05 -15.97 10.97
N THR A 222 3.53 -16.94 10.20
CA THR A 222 4.56 -16.74 9.20
C THR A 222 4.07 -17.31 7.88
N TYR A 223 4.21 -16.53 6.80
CA TYR A 223 3.78 -16.92 5.47
C TYR A 223 4.97 -16.88 4.52
N THR A 224 5.23 -18.00 3.83
CA THR A 224 6.36 -18.12 2.92
C THR A 224 5.92 -18.87 1.67
N GLY A 225 6.86 -19.03 0.74
CA GLY A 225 6.61 -19.66 -0.54
C GLY A 225 6.74 -18.70 -1.70
N HIS A 226 6.61 -17.40 -1.46
CA HIS A 226 6.79 -16.39 -2.49
C HIS A 226 8.25 -15.93 -2.55
N LYS A 227 8.53 -15.03 -3.48
CA LYS A 227 9.87 -14.53 -3.68
C LYS A 227 9.84 -13.04 -3.37
N ASN A 228 10.57 -12.63 -2.33
CA ASN A 228 10.60 -11.20 -1.97
C ASN A 228 11.96 -10.92 -1.31
N GLU A 229 12.96 -10.65 -2.15
CA GLU A 229 14.29 -10.27 -1.68
C GLU A 229 14.74 -8.90 -2.15
N LYS A 230 13.98 -8.22 -3.01
CA LYS A 230 14.55 -7.03 -3.63
C LYS A 230 13.61 -5.83 -3.59
N TYR A 231 12.30 -6.04 -3.61
CA TYR A 231 11.34 -4.94 -3.75
C TYR A 231 10.43 -4.83 -2.55
N CYS A 232 9.95 -3.62 -2.29
CA CYS A 232 8.84 -3.40 -1.37
C CYS A 232 7.53 -3.72 -2.09
N ILE A 233 6.83 -4.75 -1.60
CA ILE A 233 5.63 -5.27 -2.22
C ILE A 233 4.47 -5.11 -1.25
N PHE A 234 3.36 -4.56 -1.73
CA PHE A 234 2.16 -4.43 -0.91
C PHE A 234 1.61 -5.80 -0.53
N ALA A 235 1.09 -5.92 0.69
CA ALA A 235 0.36 -7.09 1.12
C ALA A 235 -0.97 -6.65 1.74
N ASN A 236 -1.92 -7.58 1.81
CA ASN A 236 -3.28 -7.23 2.21
C ASN A 236 -3.90 -8.31 3.07
N PHE A 237 -4.86 -7.88 3.90
CA PHE A 237 -5.84 -8.76 4.52
C PHE A 237 -7.06 -8.81 3.61
N SER A 238 -7.45 -10.01 3.17
CA SER A 238 -8.66 -10.19 2.39
C SER A 238 -9.75 -10.68 3.35
N VAL A 239 -10.87 -9.95 3.42
CA VAL A 239 -11.86 -10.18 4.47
C VAL A 239 -13.29 -10.25 3.95
N THR A 240 -13.51 -10.09 2.64
CA THR A 240 -14.88 -10.13 2.12
C THR A 240 -15.44 -11.55 2.02
N GLY A 241 -14.57 -12.55 1.90
CA GLY A 241 -15.00 -13.93 1.87
C GLY A 241 -14.20 -14.72 2.88
N GLY A 242 -13.40 -15.68 2.40
CA GLY A 242 -12.43 -16.31 3.29
C GLY A 242 -11.41 -15.30 3.79
N LYS A 243 -10.84 -15.59 4.96
CA LYS A 243 -9.84 -14.70 5.55
C LYS A 243 -8.46 -15.08 5.02
N TRP A 244 -7.98 -14.32 4.03
CA TRP A 244 -6.70 -14.61 3.40
C TRP A 244 -5.67 -13.53 3.71
N ILE A 245 -4.43 -13.86 3.39
CA ILE A 245 -3.36 -12.88 3.20
C ILE A 245 -3.03 -12.90 1.71
N VAL A 246 -2.81 -11.71 1.13
CA VAL A 246 -2.54 -11.58 -0.30
C VAL A 246 -1.27 -10.77 -0.48
N SER A 247 -0.40 -11.22 -1.40
CA SER A 247 0.82 -10.48 -1.68
C SER A 247 1.24 -10.66 -3.14
N GLY A 248 1.91 -9.65 -3.68
CA GLY A 248 2.66 -9.81 -4.90
C GLY A 248 3.92 -10.62 -4.63
N SER A 249 4.73 -10.80 -5.67
CA SER A 249 5.90 -11.66 -5.57
C SER A 249 6.82 -11.40 -6.75
N GLU A 250 8.12 -11.61 -6.54
CA GLU A 250 9.10 -11.36 -7.58
C GLU A 250 9.20 -12.49 -8.61
N ASP A 251 8.38 -13.53 -8.48
CA ASP A 251 8.25 -14.55 -9.53
C ASP A 251 7.03 -14.32 -10.43
N ASN A 252 6.48 -13.09 -10.43
CA ASN A 252 5.41 -12.64 -11.32
C ASN A 252 4.03 -13.19 -10.97
N LEU A 253 3.86 -13.74 -9.76
CA LEU A 253 2.60 -14.33 -9.33
C LEU A 253 1.98 -13.55 -8.18
N VAL A 254 0.65 -13.65 -8.05
CA VAL A 254 -0.04 -13.23 -6.83
C VAL A 254 -0.21 -14.46 -5.95
N TYR A 255 0.23 -14.34 -4.68
CA TYR A 255 0.10 -15.39 -3.68
C TYR A 255 -1.05 -15.10 -2.74
N ILE A 256 -1.82 -16.13 -2.42
CA ILE A 256 -2.91 -16.05 -1.46
C ILE A 256 -2.73 -17.17 -0.44
N TRP A 257 -2.69 -16.81 0.84
CA TRP A 257 -2.54 -17.76 1.94
C TRP A 257 -3.81 -17.79 2.80
N ASN A 258 -4.07 -18.95 3.40
CA ASN A 258 -5.01 -19.02 4.49
C ASN A 258 -4.38 -18.34 5.72
N LEU A 259 -5.08 -17.35 6.28
CA LEU A 259 -4.50 -16.57 7.37
C LEU A 259 -4.15 -17.44 8.57
N GLN A 260 -5.08 -18.31 8.99
CA GLN A 260 -4.87 -19.10 10.20
C GLN A 260 -3.89 -20.26 9.99
N THR A 261 -4.02 -20.99 8.87
CA THR A 261 -3.22 -22.19 8.67
C THR A 261 -1.88 -21.92 8.00
N LYS A 262 -1.72 -20.76 7.35
CA LYS A 262 -0.52 -20.34 6.64
C LYS A 262 -0.27 -21.13 5.36
N GLU A 263 -1.19 -21.97 4.93
CA GLU A 263 -0.98 -22.68 3.67
C GLU A 263 -1.37 -21.78 2.49
N ILE A 264 -0.55 -21.84 1.45
CA ILE A 264 -0.87 -21.22 0.16
C ILE A 264 -2.14 -21.86 -0.36
N VAL A 265 -3.17 -21.06 -0.60
CA VAL A 265 -4.42 -21.56 -1.16
C VAL A 265 -4.60 -21.22 -2.63
N GLN A 266 -3.86 -20.27 -3.17
CA GLN A 266 -3.91 -20.07 -4.62
C GLN A 266 -2.73 -19.20 -5.06
N LYS A 267 -2.27 -19.43 -6.29
CA LYS A 267 -1.32 -18.55 -6.97
C LYS A 267 -1.90 -18.11 -8.29
N LEU A 268 -1.94 -16.81 -8.53
CA LEU A 268 -2.57 -16.26 -9.72
C LEU A 268 -1.50 -15.98 -10.77
N GLN A 269 -1.60 -16.63 -11.92
CA GLN A 269 -0.61 -16.49 -12.98
C GLN A 269 -1.17 -15.64 -14.11
N GLY A 270 -0.32 -14.78 -14.67
CA GLY A 270 -0.72 -13.90 -15.75
C GLY A 270 0.24 -12.76 -15.99
N HIS A 271 0.81 -12.21 -14.92
CA HIS A 271 1.74 -11.11 -15.09
C HIS A 271 3.07 -11.61 -15.68
N THR A 272 3.77 -10.71 -16.35
CA THR A 272 5.06 -11.06 -16.95
C THR A 272 6.23 -10.32 -16.30
N ASP A 273 6.00 -9.62 -15.19
CA ASP A 273 7.09 -9.02 -14.42
C ASP A 273 6.65 -9.04 -12.96
N VAL A 274 7.54 -8.55 -12.09
CA VAL A 274 7.27 -8.56 -10.65
C VAL A 274 5.92 -7.96 -10.35
N VAL A 275 5.13 -8.66 -9.53
CA VAL A 275 3.85 -8.11 -9.05
C VAL A 275 4.15 -7.24 -7.83
N ILE A 276 4.20 -5.93 -8.04
CA ILE A 276 4.67 -5.03 -7.00
C ILE A 276 3.55 -4.62 -6.03
N SER A 277 2.29 -4.73 -6.45
CA SER A 277 1.19 -4.20 -5.68
C SER A 277 -0.04 -5.08 -5.89
N THR A 278 -0.74 -5.36 -4.79
CA THR A 278 -2.04 -5.98 -4.81
C THR A 278 -2.97 -5.17 -3.92
N ALA A 279 -4.27 -5.26 -4.19
CA ALA A 279 -5.27 -4.61 -3.37
C ALA A 279 -6.52 -5.48 -3.37
N CYS A 280 -7.31 -5.35 -2.30
CA CYS A 280 -8.50 -6.16 -2.07
C CYS A 280 -9.73 -5.26 -2.00
N HIS A 281 -10.73 -5.57 -2.81
CA HIS A 281 -11.96 -4.77 -2.88
C HIS A 281 -12.65 -4.75 -1.51
N PRO A 282 -13.28 -3.62 -1.14
CA PRO A 282 -13.84 -3.51 0.22
C PRO A 282 -15.08 -4.36 0.47
N THR A 283 -15.85 -4.74 -0.55
CA THR A 283 -17.08 -5.50 -0.28
C THR A 283 -17.19 -6.76 -1.12
N GLU A 284 -16.59 -6.80 -2.30
CA GLU A 284 -16.63 -7.95 -3.18
C GLU A 284 -15.28 -8.68 -3.20
N ASN A 285 -15.33 -9.98 -3.53
CA ASN A 285 -14.12 -10.81 -3.63
C ASN A 285 -13.41 -10.50 -4.95
N ILE A 286 -12.80 -9.32 -4.99
CA ILE A 286 -12.07 -8.85 -6.15
C ILE A 286 -10.67 -8.44 -5.70
N ILE A 287 -9.64 -8.86 -6.45
CA ILE A 287 -8.26 -8.50 -6.21
C ILE A 287 -7.76 -7.72 -7.42
N ALA A 288 -7.04 -6.63 -7.16
CA ALA A 288 -6.31 -5.93 -8.20
C ALA A 288 -4.82 -6.17 -8.00
N SER A 289 -4.09 -6.35 -9.10
CA SER A 289 -2.64 -6.53 -9.05
C SER A 289 -1.99 -5.69 -10.15
N ALA A 290 -0.73 -5.33 -9.93
CA ALA A 290 -0.02 -4.47 -10.87
C ALA A 290 1.45 -4.87 -10.92
N ALA A 291 2.09 -4.69 -12.08
CA ALA A 291 3.43 -5.24 -12.28
C ALA A 291 4.40 -4.18 -12.79
N LEU A 292 5.69 -4.53 -12.75
CA LEU A 292 6.75 -3.60 -13.07
C LEU A 292 6.93 -3.46 -14.59
N GLU A 293 8.06 -2.87 -14.99
CA GLU A 293 8.21 -2.17 -16.27
C GLU A 293 8.04 -3.08 -17.48
N ASN A 294 8.43 -4.36 -17.38
CA ASN A 294 8.34 -5.26 -18.54
C ASN A 294 6.91 -5.70 -18.82
N ASP A 295 5.98 -5.38 -17.93
CA ASP A 295 4.57 -5.74 -18.01
C ASP A 295 3.69 -4.49 -18.10
N LYS A 296 3.68 -3.68 -17.03
CA LYS A 296 2.97 -2.39 -16.95
C LYS A 296 1.45 -2.52 -17.02
N THR A 297 0.88 -3.70 -16.82
CA THR A 297 -0.57 -3.84 -16.78
C THR A 297 -1.07 -4.08 -15.36
N ILE A 298 -2.36 -3.79 -15.20
CA ILE A 298 -3.11 -4.04 -13.98
C ILE A 298 -4.11 -5.13 -14.29
N LYS A 299 -4.34 -6.03 -13.35
CA LYS A 299 -5.29 -7.12 -13.57
C LYS A 299 -6.32 -7.17 -12.45
N LEU A 300 -7.56 -7.48 -12.81
CA LEU A 300 -8.66 -7.63 -11.86
C LEU A 300 -9.10 -9.10 -11.87
N TRP A 301 -9.07 -9.72 -10.70
CA TRP A 301 -9.39 -11.14 -10.51
C TRP A 301 -10.59 -11.23 -9.59
N LYS A 302 -11.51 -12.16 -9.91
CA LYS A 302 -12.73 -12.31 -9.14
C LYS A 302 -12.90 -13.75 -8.67
N SER A 303 -13.37 -13.91 -7.44
CA SER A 303 -13.58 -15.21 -6.83
C SER A 303 -15.01 -15.29 -6.32
N ASP A 304 -15.51 -16.51 -6.20
CA ASP A 304 -16.84 -16.70 -5.63
C ASP A 304 -16.80 -16.72 -4.10
N CYS A 305 -15.63 -16.80 -3.49
CA CYS A 305 -15.54 -16.83 -2.03
C CYS A 305 -14.24 -16.19 -1.56
#